data_6XS9
#
_entry.id   6XS9
#
_cell.length_a   119.440
_cell.length_b   119.440
_cell.length_c   125.630
_cell.angle_alpha   90.000
_cell.angle_beta   90.000
_cell.angle_gamma   90.000
#
_symmetry.space_group_name_H-M   'P 41 21 2'
#
loop_
_entity.id
_entity.type
_entity.pdbx_description
1 polymer 'Vacuolar protein sorting-associated protein 29'
2 polymer 'Vacuolar protein sorting-associated protein 29'
3 polymer 48V-TYR-ILE-LYS-THR-PRO-LEU-GLY-THR-PHE-PRO-ASN-ARG-HIS-GLY
4 non-polymer 'MALONATE ION'
5 non-polymer GLYCEROL
6 non-polymer 1,4,7,10,13,16-HEXAOXACYCLOOCTADECANE
7 water water
#
loop_
_entity_poly.entity_id
_entity_poly.type
_entity_poly.pdbx_seq_one_letter_code
_entity_poly.pdbx_strand_id
1 'polypeptide(L)'
;GSPEFGTRDRMLVLVLGDLHIPHRCNSLPAKFKKLLVPGKIQHILCTGNLCTKESYDYLKTLAGDVHIVRGDFDENLNYP
EQKVVTVGQFKIGLIHGHQVIPWGDMASLALLQRQFDVDILISGHTHKFEAFEHENKFYINPGSATGAYNALETNIIPSF
VLMDIQASTVVTYVYQLIGDDVKVERIEYKKP
;
A
2 'polypeptide(L)'
;GSPEFGTRDRMLVLVLGDLHIPHR(CSO)NSLPAKFKKLLVPGKIQHILCTGNLCTKESYDYLKTLAGDVHIVRGDFDEN
LNYPEQKVVTVGQFKIGLIHGHQVIPWGDMASLALLQRQFDVDILISGHTHKFEAFEHENKFYINPGSATGAYNALETNI
IPSFVLMDIQASTVVTYVYQLIGDDVKVERIEYKKP
;
B
3 'polypeptide(L)' (48V)YIKTPLGTFPNRHG C,D,E,F
#
loop_
_chem_comp.id
_chem_comp.type
_chem_comp.name
_chem_comp.formula
48V peptide-like '{[(2R)-2,3-diamino-3-oxopropyl]sulfanyl}acetic acid' 'C5 H10 N2 O3 S'
GOL non-polymer GLYCEROL 'C3 H8 O3'
MLI non-polymer 'MALONATE ION' 'C3 H2 O4 -2'
O4B non-polymer 1,4,7,10,13,16-HEXAOXACYCLOOCTADECANE 'C12 H24 O6'
#
# COMPACT_ATOMS: atom_id res chain seq x y z
N ASP A 9 26.90 -23.22 -21.74
CA ASP A 9 27.37 -22.46 -20.55
C ASP A 9 26.22 -21.67 -19.95
N ARG A 10 25.92 -21.98 -18.69
CA ARG A 10 24.77 -21.40 -18.00
C ARG A 10 25.02 -19.93 -17.65
N MET A 11 23.94 -19.16 -17.61
CA MET A 11 23.92 -17.86 -16.96
C MET A 11 23.11 -17.98 -15.68
N LEU A 12 23.65 -17.46 -14.58
CA LEU A 12 22.96 -17.42 -13.31
C LEU A 12 22.63 -15.97 -12.98
N VAL A 13 21.34 -15.68 -12.82
CA VAL A 13 20.85 -14.34 -12.50
C VAL A 13 20.26 -14.37 -11.11
N LEU A 14 20.74 -13.47 -10.25
CA LEU A 14 20.18 -13.29 -8.93
C LEU A 14 19.03 -12.29 -8.98
N VAL A 15 17.93 -12.64 -8.30
CA VAL A 15 16.76 -11.77 -8.21
C VAL A 15 16.37 -11.67 -6.75
N LEU A 16 16.28 -10.44 -6.24
CA LEU A 16 15.94 -10.20 -4.85
C LEU A 16 15.53 -8.74 -4.71
N GLY A 17 14.96 -8.41 -3.56
CA GLY A 17 14.60 -7.04 -3.28
C GLY A 17 13.70 -6.96 -2.07
N ASP A 18 13.16 -5.75 -1.86
CA ASP A 18 12.37 -5.46 -0.67
C ASP A 18 13.17 -5.81 0.58
N LEU A 19 14.44 -5.38 0.58
CA LEU A 19 15.31 -5.56 1.73
C LEU A 19 14.83 -4.72 2.90
N HIS A 20 14.63 -3.43 2.65
CA HIS A 20 14.03 -2.53 3.63
C HIS A 20 14.93 -2.30 4.84
N ILE A 21 16.24 -2.40 4.66
CA ILE A 21 17.17 -1.99 5.70
C ILE A 21 17.41 -0.49 5.49
N PRO A 22 17.66 0.25 6.59
CA PRO A 22 17.78 -0.18 7.99
C PRO A 22 16.47 -0.20 8.78
N HIS A 23 15.46 0.53 8.33
CA HIS A 23 14.28 0.78 9.16
C HIS A 23 13.58 -0.50 9.55
N ARG A 24 13.22 -1.32 8.55
CA ARG A 24 12.40 -2.50 8.79
CA ARG A 24 12.40 -2.49 8.78
C ARG A 24 13.22 -3.72 9.19
N CYS A 25 14.45 -3.85 8.69
CA CYS A 25 15.32 -4.93 9.07
C CYS A 25 16.74 -4.39 9.22
N ASN A 26 17.51 -5.01 10.10
CA ASN A 26 18.88 -4.56 10.32
C ASN A 26 19.79 -5.01 9.18
N SER A 27 19.77 -6.30 8.83
CA SER A 27 20.54 -6.76 7.69
C SER A 27 19.89 -8.02 7.11
N LEU A 28 20.26 -8.29 5.87
CA LEU A 28 19.89 -9.53 5.21
C LEU A 28 20.38 -10.72 6.03
N PRO A 29 19.64 -11.83 6.09
CA PRO A 29 20.08 -12.97 6.92
C PRO A 29 21.49 -13.41 6.54
N ALA A 30 22.29 -13.72 7.56
CA ALA A 30 23.63 -14.23 7.30
C ALA A 30 23.58 -15.48 6.43
N LYS A 31 22.64 -16.39 6.73
CA LYS A 31 22.49 -17.61 5.95
C LYS A 31 22.33 -17.31 4.47
N PHE A 32 21.45 -16.39 4.11
CA PHE A 32 21.39 -15.96 2.72
C PHE A 32 22.73 -15.38 2.29
N LYS A 33 23.28 -14.45 3.09
CA LYS A 33 24.53 -13.80 2.71
C LYS A 33 25.66 -14.80 2.49
N LYS A 34 25.69 -15.93 3.22
CA LYS A 34 26.76 -16.89 3.01
C LYS A 34 26.66 -17.56 1.64
N LEU A 35 25.44 -17.70 1.11
CA LEU A 35 25.26 -18.38 -0.17
C LEU A 35 25.67 -17.54 -1.37
N LEU A 36 25.70 -16.22 -1.22
CA LEU A 36 25.95 -15.33 -2.35
C LEU A 36 27.43 -14.96 -2.37
N VAL A 37 28.24 -15.97 -2.66
CA VAL A 37 29.68 -15.73 -2.79
C VAL A 37 29.91 -14.84 -4.01
N PRO A 38 30.72 -13.79 -3.91
CA PRO A 38 30.94 -12.94 -5.10
C PRO A 38 31.60 -13.72 -6.22
N GLY A 39 31.24 -13.35 -7.46
CA GLY A 39 31.79 -13.98 -8.63
C GLY A 39 31.03 -15.19 -9.13
N LYS A 40 30.29 -15.88 -8.25
CA LYS A 40 29.58 -17.08 -8.66
C LYS A 40 28.26 -16.78 -9.37
N ILE A 41 27.75 -15.56 -9.24
CA ILE A 41 26.58 -15.11 -9.99
C ILE A 41 27.02 -13.98 -10.89
N GLN A 42 26.66 -14.07 -12.17
CA GLN A 42 27.11 -13.09 -13.14
C GLN A 42 26.25 -11.82 -13.12
N HIS A 43 24.93 -11.98 -13.04
CA HIS A 43 24.01 -10.85 -13.13
C HIS A 43 23.21 -10.72 -11.85
N ILE A 44 22.69 -9.51 -11.63
CA ILE A 44 21.87 -9.22 -10.47
C ILE A 44 20.74 -8.27 -10.86
N LEU A 45 19.51 -8.74 -10.68
CA LEU A 45 18.32 -7.94 -10.97
C LEU A 45 17.57 -7.72 -9.67
N CYS A 46 17.40 -6.45 -9.28
CA CYS A 46 16.87 -6.10 -7.98
CA CYS A 46 16.87 -6.10 -7.98
C CYS A 46 15.59 -5.28 -8.15
N THR A 47 14.56 -5.65 -7.38
CA THR A 47 13.27 -4.99 -7.48
C THR A 47 13.21 -3.65 -6.76
N GLY A 48 14.13 -3.39 -5.83
CA GLY A 48 14.16 -2.12 -5.14
C GLY A 48 13.94 -2.18 -3.65
N ASN A 49 13.62 -1.04 -3.03
CA ASN A 49 13.49 -0.92 -1.59
C ASN A 49 14.72 -1.52 -0.88
N LEU A 50 15.84 -0.86 -1.10
CA LEU A 50 17.11 -1.29 -0.52
C LEU A 50 17.20 -1.03 0.98
N CYS A 51 17.05 0.21 1.46
CA CYS A 51 16.77 1.40 0.67
C CYS A 51 18.01 2.30 0.61
N THR A 52 18.84 2.19 1.64
CA THR A 52 20.05 3.01 1.74
C THR A 52 21.12 2.50 0.79
N LYS A 53 21.99 3.42 0.37
CA LYS A 53 23.10 3.11 -0.53
C LYS A 53 24.09 2.14 0.10
N GLU A 54 24.01 1.89 1.40
CA GLU A 54 24.74 0.80 2.01
C GLU A 54 24.59 -0.47 1.18
N SER A 55 23.34 -0.84 0.92
CA SER A 55 23.06 -2.09 0.21
C SER A 55 23.43 -1.98 -1.27
N TYR A 56 23.23 -0.81 -1.88
CA TYR A 56 23.57 -0.66 -3.29
C TYR A 56 25.07 -0.85 -3.51
N ASP A 57 25.90 -0.24 -2.65
CA ASP A 57 27.34 -0.47 -2.73
C ASP A 57 27.70 -1.88 -2.31
N TYR A 58 26.79 -2.59 -1.64
CA TYR A 58 27.02 -3.98 -1.29
C TYR A 58 26.76 -4.89 -2.49
N LEU A 59 25.61 -4.71 -3.15
CA LEU A 59 25.28 -5.56 -4.30
C LEU A 59 26.37 -5.49 -5.36
N LYS A 60 26.94 -4.30 -5.59
CA LYS A 60 28.02 -4.17 -6.55
C LYS A 60 29.15 -5.16 -6.28
N THR A 61 29.38 -5.49 -5.00
CA THR A 61 30.50 -6.38 -4.66
C THR A 61 30.32 -7.75 -5.29
N LEU A 62 29.08 -8.22 -5.42
CA LEU A 62 28.84 -9.62 -5.74
C LEU A 62 28.92 -9.92 -7.23
N ALA A 63 28.72 -8.94 -8.10
CA ALA A 63 28.77 -9.19 -9.54
C ALA A 63 29.00 -7.89 -10.28
N GLY A 64 29.51 -8.02 -11.50
CA GLY A 64 29.80 -6.85 -12.31
C GLY A 64 28.57 -6.20 -12.92
N ASP A 65 27.55 -7.00 -13.25
CA ASP A 65 26.33 -6.50 -13.87
C ASP A 65 25.22 -6.56 -12.82
N VAL A 66 24.79 -5.40 -12.35
CA VAL A 66 23.75 -5.27 -11.35
C VAL A 66 22.81 -4.14 -11.73
N HIS A 67 21.51 -4.43 -11.74
CA HIS A 67 20.51 -3.44 -12.14
C HIS A 67 19.50 -3.28 -11.01
N ILE A 68 19.26 -2.04 -10.61
CA ILE A 68 18.24 -1.70 -9.63
C ILE A 68 17.08 -1.04 -10.36
N VAL A 69 15.87 -1.25 -9.85
CA VAL A 69 14.72 -0.43 -10.24
C VAL A 69 14.25 0.35 -9.02
N ARG A 70 13.61 1.49 -9.29
CA ARG A 70 13.26 2.43 -8.25
C ARG A 70 12.08 1.91 -7.43
N GLY A 71 12.25 1.86 -6.11
CA GLY A 71 11.17 1.52 -5.21
C GLY A 71 10.57 2.77 -4.58
N ASP A 72 9.34 2.61 -4.07
CA ASP A 72 8.64 3.73 -3.46
C ASP A 72 9.32 4.22 -2.19
N PHE A 73 10.24 3.44 -1.62
CA PHE A 73 10.99 3.83 -0.44
C PHE A 73 12.49 3.83 -0.68
N ASP A 74 12.91 4.01 -1.93
CA ASP A 74 14.32 4.08 -2.28
C ASP A 74 14.77 5.53 -2.29
N GLU A 75 15.88 5.81 -1.61
CA GLU A 75 16.30 7.19 -1.41
C GLU A 75 17.06 7.76 -2.59
N ASN A 76 17.82 6.93 -3.31
CA ASN A 76 18.48 7.37 -4.54
C ASN A 76 17.43 7.32 -5.66
N LEU A 77 16.91 8.49 -6.04
CA LEU A 77 15.85 8.56 -7.03
C LEU A 77 16.34 8.37 -8.45
N ASN A 78 17.66 8.37 -8.70
CA ASN A 78 18.13 8.25 -10.07
C ASN A 78 17.97 6.84 -10.62
N TYR A 79 17.69 5.85 -9.78
CA TYR A 79 17.40 4.53 -10.30
C TYR A 79 16.30 4.63 -11.35
N PRO A 80 16.31 3.77 -12.37
CA PRO A 80 15.22 3.78 -13.34
C PRO A 80 13.98 3.12 -12.74
N GLU A 81 12.82 3.72 -13.00
CA GLU A 81 11.59 3.15 -12.50
CA GLU A 81 11.56 3.16 -12.53
C GLU A 81 11.32 1.77 -13.09
N GLN A 82 11.93 1.46 -14.24
CA GLN A 82 11.88 0.12 -14.82
C GLN A 82 13.08 -0.05 -15.73
N LYS A 83 13.46 -1.31 -15.95
CA LYS A 83 14.62 -1.64 -16.75
C LYS A 83 14.36 -2.94 -17.51
N VAL A 84 14.80 -2.96 -18.77
CA VAL A 84 14.66 -4.13 -19.62
C VAL A 84 16.06 -4.60 -20.02
N VAL A 85 16.35 -5.87 -19.76
CA VAL A 85 17.64 -6.45 -20.07
C VAL A 85 17.44 -7.75 -20.81
N THR A 86 18.53 -8.26 -21.40
CA THR A 86 18.55 -9.56 -22.04
C THR A 86 19.70 -10.38 -21.47
N VAL A 87 19.42 -11.65 -21.23
CA VAL A 87 20.43 -12.60 -20.76
C VAL A 87 20.22 -13.88 -21.55
N GLY A 88 21.27 -14.34 -22.23
CA GLY A 88 21.12 -15.44 -23.15
C GLY A 88 20.01 -15.15 -24.15
N GLN A 89 19.03 -16.01 -24.25
CA GLN A 89 17.93 -15.86 -25.18
C GLN A 89 16.70 -15.20 -24.56
N PHE A 90 16.80 -14.71 -23.31
CA PHE A 90 15.64 -14.23 -22.56
C PHE A 90 15.67 -12.72 -22.43
N LYS A 91 14.54 -12.09 -22.80
CA LYS A 91 14.32 -10.66 -22.61
C LYS A 91 13.58 -10.48 -21.29
N ILE A 92 14.21 -9.81 -20.33
CA ILE A 92 13.71 -9.75 -18.96
C ILE A 92 13.27 -8.32 -18.65
N GLY A 93 12.09 -8.20 -18.04
CA GLY A 93 11.57 -6.91 -17.58
C GLY A 93 11.69 -6.82 -16.07
N LEU A 94 11.96 -5.61 -15.58
CA LEU A 94 12.17 -5.39 -14.16
C LEU A 94 11.46 -4.13 -13.72
N ILE A 95 10.79 -4.22 -12.57
CA ILE A 95 9.98 -3.14 -12.02
C ILE A 95 9.75 -3.47 -10.56
N HIS A 96 9.64 -2.44 -9.71
CA HIS A 96 9.42 -2.74 -8.29
C HIS A 96 8.05 -3.37 -8.07
N GLY A 97 7.01 -2.75 -8.63
CA GLY A 97 5.66 -3.30 -8.57
C GLY A 97 4.66 -2.44 -7.81
N HIS A 98 5.08 -1.37 -7.15
CA HIS A 98 4.11 -0.48 -6.52
C HIS A 98 3.24 0.26 -7.53
N GLN A 99 3.56 0.14 -8.82
CA GLN A 99 2.77 0.75 -9.87
C GLN A 99 1.52 -0.05 -10.21
N VAL A 100 1.37 -1.24 -9.65
CA VAL A 100 0.31 -2.18 -10.02
C VAL A 100 -0.75 -2.13 -8.92
N ILE A 101 -1.97 -1.75 -9.29
CA ILE A 101 -3.09 -1.71 -8.37
C ILE A 101 -4.23 -2.59 -8.89
N PRO A 102 -4.72 -3.54 -8.07
CA PRO A 102 -4.23 -3.94 -6.74
C PRO A 102 -2.84 -4.55 -6.85
N TRP A 103 -2.15 -4.73 -5.72
CA TRP A 103 -0.78 -5.18 -5.77
C TRP A 103 -0.71 -6.61 -6.31
N GLY A 104 0.28 -6.85 -7.16
CA GLY A 104 0.41 -8.15 -7.80
C GLY A 104 -0.71 -8.48 -8.76
N ASP A 105 -1.50 -7.50 -9.17
CA ASP A 105 -2.61 -7.77 -10.08
C ASP A 105 -2.11 -8.42 -11.36
N MET A 106 -2.72 -9.55 -11.71
CA MET A 106 -2.32 -10.29 -12.90
C MET A 106 -2.52 -9.44 -14.15
N ALA A 107 -3.77 -9.04 -14.42
CA ALA A 107 -4.08 -8.31 -15.65
C ALA A 107 -3.15 -7.12 -15.85
N SER A 108 -2.87 -6.38 -14.77
CA SER A 108 -1.97 -5.24 -14.85
C SER A 108 -0.55 -5.69 -15.16
N LEU A 109 -0.06 -6.68 -14.41
CA LEU A 109 1.28 -7.19 -14.68
C LEU A 109 1.42 -7.71 -16.10
N ALA A 110 0.34 -8.24 -16.67
CA ALA A 110 0.39 -8.74 -18.04
C ALA A 110 0.63 -7.60 -19.03
N LEU A 111 -0.05 -6.46 -18.84
CA LEU A 111 0.19 -5.31 -19.73
C LEU A 111 1.66 -4.90 -19.71
N LEU A 112 2.23 -4.74 -18.51
CA LEU A 112 3.64 -4.38 -18.41
C LEU A 112 4.52 -5.41 -19.10
N GLN A 113 4.12 -6.68 -19.06
CA GLN A 113 4.86 -7.70 -19.80
C GLN A 113 4.76 -7.45 -21.30
N ARG A 114 3.54 -7.27 -21.82
CA ARG A 114 3.41 -7.03 -23.25
C ARG A 114 3.97 -5.66 -23.63
N GLN A 115 3.71 -4.64 -22.81
CA GLN A 115 4.27 -3.32 -23.09
C GLN A 115 5.80 -3.37 -23.11
N PHE A 116 6.40 -4.07 -22.14
CA PHE A 116 7.84 -4.24 -22.12
C PHE A 116 8.33 -5.23 -23.17
N ASP A 117 7.46 -6.10 -23.66
CA ASP A 117 7.85 -7.09 -24.67
C ASP A 117 8.97 -7.99 -24.13
N VAL A 118 8.67 -8.68 -23.03
CA VAL A 118 9.66 -9.49 -22.33
C VAL A 118 9.14 -10.92 -22.19
N ASP A 119 10.09 -11.85 -22.05
CA ASP A 119 9.76 -13.23 -21.76
C ASP A 119 9.51 -13.45 -20.27
N ILE A 120 10.27 -12.76 -19.43
CA ILE A 120 10.17 -12.88 -17.98
C ILE A 120 9.96 -11.50 -17.39
N LEU A 121 8.93 -11.36 -16.56
CA LEU A 121 8.65 -10.12 -15.85
C LEU A 121 8.95 -10.32 -14.37
N ILE A 122 9.78 -9.44 -13.81
CA ILE A 122 10.14 -9.48 -12.40
C ILE A 122 9.54 -8.25 -11.72
N SER A 123 8.86 -8.48 -10.60
CA SER A 123 8.31 -7.40 -9.80
C SER A 123 8.31 -7.83 -8.34
N GLY A 124 8.24 -6.84 -7.45
CA GLY A 124 8.26 -7.08 -6.02
C GLY A 124 7.11 -6.41 -5.29
N HIS A 125 7.51 -5.89 -4.14
CA HIS A 125 6.67 -5.09 -3.27
C HIS A 125 5.70 -5.76 -2.33
N THR A 126 5.14 -6.83 -2.84
CA THR A 126 4.14 -7.56 -2.11
C THR A 126 4.82 -8.39 -1.09
N HIS A 127 6.12 -8.44 -1.16
CA HIS A 127 6.89 -9.22 -0.19
C HIS A 127 6.46 -10.69 -0.19
N LYS A 128 5.70 -11.10 -1.19
CA LYS A 128 5.22 -12.46 -1.33
C LYS A 128 5.83 -13.05 -2.60
N PHE A 129 6.37 -14.25 -2.49
CA PHE A 129 7.13 -14.85 -3.58
C PHE A 129 6.19 -15.40 -4.64
N GLU A 130 6.59 -15.25 -5.91
CA GLU A 130 5.84 -15.78 -7.04
C GLU A 130 6.83 -16.22 -8.11
N ALA A 131 6.56 -17.39 -8.70
CA ALA A 131 7.36 -17.88 -9.83
C ALA A 131 6.48 -18.84 -10.62
N PHE A 132 5.93 -18.35 -11.74
CA PHE A 132 4.89 -19.10 -12.44
C PHE A 132 4.78 -18.57 -13.86
N GLU A 133 4.12 -19.36 -14.71
CA GLU A 133 3.92 -19.01 -16.11
C GLU A 133 2.45 -18.67 -16.35
N HIS A 134 2.21 -17.60 -17.12
CA HIS A 134 0.85 -17.16 -17.43
C HIS A 134 0.78 -16.81 -18.90
N GLU A 135 -0.08 -17.51 -19.63
CA GLU A 135 -0.24 -17.31 -21.07
C GLU A 135 1.12 -17.28 -21.77
N ASN A 136 1.90 -18.32 -21.53
CA ASN A 136 3.18 -18.61 -22.19
C ASN A 136 4.27 -17.61 -21.83
N LYS A 137 4.04 -16.74 -20.84
CA LYS A 137 5.08 -15.92 -20.26
C LYS A 137 5.29 -16.32 -18.81
N PHE A 138 6.47 -15.99 -18.29
CA PHE A 138 6.87 -16.40 -16.94
C PHE A 138 7.01 -15.15 -16.07
N TYR A 139 6.37 -15.18 -14.90
CA TYR A 139 6.36 -14.06 -13.97
C TYR A 139 7.05 -14.47 -12.68
N ILE A 140 8.00 -13.65 -12.25
CA ILE A 140 8.77 -13.90 -11.04
C ILE A 140 8.54 -12.75 -10.06
N ASN A 141 8.37 -13.09 -8.79
CA ASN A 141 8.46 -12.14 -7.70
C ASN A 141 9.40 -12.75 -6.67
N PRO A 142 10.56 -12.15 -6.39
CA PRO A 142 11.49 -12.79 -5.45
C PRO A 142 11.04 -12.71 -4.01
N GLY A 143 10.01 -11.92 -3.70
CA GLY A 143 9.63 -11.68 -2.33
C GLY A 143 10.62 -10.75 -1.65
N SER A 144 10.62 -10.78 -0.33
CA SER A 144 11.51 -9.96 0.48
C SER A 144 12.67 -10.82 0.95
N ALA A 145 13.90 -10.39 0.64
CA ALA A 145 15.07 -11.16 1.06
C ALA A 145 15.29 -11.07 2.56
N THR A 146 14.94 -9.94 3.17
CA THR A 146 15.13 -9.74 4.61
C THR A 146 13.96 -10.27 5.45
N GLY A 147 12.87 -10.68 4.81
CA GLY A 147 11.67 -10.99 5.55
C GLY A 147 10.93 -9.76 6.02
N ALA A 148 11.24 -8.59 5.45
CA ALA A 148 10.64 -7.34 5.88
C ALA A 148 9.13 -7.44 5.84
N TYR A 149 8.49 -6.64 6.68
CA TYR A 149 7.03 -6.64 6.76
C TYR A 149 6.43 -5.76 5.67
N ASN A 150 5.23 -6.14 5.23
CA ASN A 150 4.42 -5.31 4.35
C ASN A 150 3.29 -4.70 5.17
N ALA A 151 2.52 -3.82 4.52
CA ALA A 151 1.48 -3.09 5.23
C ALA A 151 0.47 -3.99 5.92
N LEU A 152 0.40 -5.28 5.55
CA LEU A 152 -0.66 -6.15 6.01
C LEU A 152 -0.20 -7.39 6.78
N GLU A 153 1.06 -7.78 6.70
CA GLU A 153 1.54 -8.99 7.37
C GLU A 153 2.88 -8.71 8.03
N THR A 154 3.13 -9.39 9.15
CA THR A 154 4.35 -9.20 9.92
C THR A 154 5.28 -10.41 9.91
N ASN A 155 4.77 -11.61 9.66
CA ASN A 155 5.61 -12.81 9.54
CA ASN A 155 5.60 -12.80 9.55
C ASN A 155 5.69 -13.15 8.06
N ILE A 156 6.62 -12.48 7.37
CA ILE A 156 6.86 -12.70 5.96
C ILE A 156 8.13 -13.52 5.84
N ILE A 157 8.05 -14.63 5.10
CA ILE A 157 9.18 -15.54 4.99
C ILE A 157 10.21 -14.92 4.04
N PRO A 158 11.44 -14.70 4.49
CA PRO A 158 12.45 -14.12 3.58
C PRO A 158 12.70 -15.04 2.40
N SER A 159 13.05 -14.45 1.26
CA SER A 159 13.28 -15.28 0.09
C SER A 159 13.99 -14.47 -0.99
N PHE A 160 14.76 -15.17 -1.82
CA PHE A 160 15.32 -14.59 -3.03
C PHE A 160 15.37 -15.67 -4.11
N VAL A 161 15.41 -15.23 -5.36
CA VAL A 161 15.30 -16.12 -6.51
C VAL A 161 16.60 -16.10 -7.28
N LEU A 162 17.05 -17.26 -7.74
CA LEU A 162 18.21 -17.39 -8.61
C LEU A 162 17.78 -18.08 -9.89
N MET A 163 17.95 -17.39 -11.03
CA MET A 163 17.56 -17.92 -12.32
C MET A 163 18.75 -18.60 -12.98
N ASP A 164 18.57 -19.85 -13.42
CA ASP A 164 19.56 -20.59 -14.18
C ASP A 164 19.12 -20.58 -15.64
N ILE A 165 19.84 -19.84 -16.47
CA ILE A 165 19.45 -19.62 -17.87
C ILE A 165 20.35 -20.46 -18.76
N GLN A 166 19.76 -21.43 -19.45
CA GLN A 166 20.48 -22.34 -20.34
C GLN A 166 19.70 -22.42 -21.65
N ALA A 167 20.19 -21.75 -22.68
CA ALA A 167 19.57 -21.74 -24.01
C ALA A 167 18.15 -21.20 -23.90
N SER A 168 17.11 -21.95 -24.28
CA SER A 168 15.75 -21.44 -24.29
C SER A 168 14.95 -21.84 -23.06
N THR A 169 15.59 -22.41 -22.04
CA THR A 169 14.93 -22.78 -20.80
C THR A 169 15.61 -22.08 -19.64
N VAL A 170 14.81 -21.42 -18.81
CA VAL A 170 15.27 -20.86 -17.54
C VAL A 170 14.80 -21.77 -16.42
N VAL A 171 15.72 -22.14 -15.53
CA VAL A 171 15.38 -22.84 -14.30
C VAL A 171 15.46 -21.82 -13.17
N THR A 172 14.33 -21.63 -12.48
CA THR A 172 14.21 -20.61 -11.46
C THR A 172 14.23 -21.29 -10.10
N TYR A 173 15.22 -20.93 -9.29
CA TYR A 173 15.36 -21.44 -7.93
C TYR A 173 14.97 -20.35 -6.95
N VAL A 174 14.04 -20.67 -6.05
CA VAL A 174 13.65 -19.80 -4.95
C VAL A 174 14.23 -20.40 -3.68
N TYR A 175 14.86 -19.56 -2.87
CA TYR A 175 15.37 -19.96 -1.56
C TYR A 175 14.67 -19.10 -0.53
N GLN A 176 13.76 -19.68 0.24
CA GLN A 176 13.07 -18.97 1.30
C GLN A 176 13.50 -19.53 2.65
N LEU A 177 13.77 -18.63 3.59
CA LEU A 177 14.26 -18.98 4.92
C LEU A 177 13.06 -19.23 5.82
N ILE A 178 12.68 -20.51 5.93
CA ILE A 178 11.59 -20.94 6.81
C ILE A 178 12.30 -21.38 8.09
N GLY A 179 11.76 -21.03 9.25
CA GLY A 179 12.46 -21.34 10.48
C GLY A 179 13.83 -20.69 10.41
N ASP A 180 14.88 -21.51 10.53
CA ASP A 180 16.24 -21.05 10.34
C ASP A 180 17.03 -22.03 9.48
N ASP A 181 16.38 -22.55 8.43
CA ASP A 181 17.05 -23.42 7.48
C ASP A 181 16.61 -23.02 6.08
N VAL A 182 17.57 -22.68 5.22
CA VAL A 182 17.26 -22.34 3.85
C VAL A 182 16.63 -23.53 3.15
N LYS A 183 15.54 -23.28 2.42
CA LYS A 183 14.86 -24.31 1.65
C LYS A 183 14.51 -23.73 0.29
N VAL A 184 14.38 -24.60 -0.71
CA VAL A 184 14.26 -24.18 -2.09
C VAL A 184 13.18 -24.97 -2.82
N GLU A 185 12.83 -24.45 -4.00
CA GLU A 185 11.85 -25.08 -4.89
C GLU A 185 12.26 -24.76 -6.33
N ARG A 186 12.00 -25.71 -7.23
CA ARG A 186 12.36 -25.57 -8.64
C ARG A 186 11.13 -25.28 -9.48
N ILE A 187 11.29 -24.37 -10.44
CA ILE A 187 10.26 -24.07 -11.42
C ILE A 187 10.95 -23.87 -12.76
N GLU A 188 10.53 -24.63 -13.77
CA GLU A 188 11.18 -24.66 -15.07
C GLU A 188 10.29 -23.98 -16.10
N TYR A 189 10.90 -23.10 -16.90
CA TYR A 189 10.19 -22.39 -17.97
C TYR A 189 11.00 -22.47 -19.25
N LYS A 190 10.36 -22.88 -20.34
CA LYS A 190 10.95 -22.87 -21.66
C LYS A 190 10.23 -21.85 -22.53
N LYS A 191 10.98 -21.06 -23.30
CA LYS A 191 10.36 -20.14 -24.23
C LYS A 191 9.45 -20.91 -25.17
N PRO A 192 8.25 -20.38 -25.50
CA PRO A 192 7.35 -21.15 -26.35
C PRO A 192 7.85 -21.21 -27.79
N ASP B 9 -27.44 21.98 22.49
CA ASP B 9 -26.06 22.54 22.46
C ASP B 9 -25.06 21.51 21.94
N ARG B 10 -25.55 20.62 21.07
CA ARG B 10 -24.70 19.58 20.52
C ARG B 10 -23.60 20.17 19.65
N MET B 11 -22.36 19.74 19.89
CA MET B 11 -21.30 19.96 18.92
C MET B 11 -21.43 18.92 17.82
N LEU B 12 -21.11 19.32 16.60
CA LEU B 12 -20.96 18.39 15.49
C LEU B 12 -19.51 18.42 15.03
N VAL B 13 -18.92 17.24 14.89
CA VAL B 13 -17.55 17.08 14.44
C VAL B 13 -17.58 16.22 13.20
N LEU B 14 -17.21 16.81 12.06
CA LEU B 14 -17.12 16.06 10.82
C LEU B 14 -15.73 15.49 10.69
N VAL B 15 -15.66 14.17 10.50
CA VAL B 15 -14.39 13.46 10.38
C VAL B 15 -14.40 12.69 9.06
N LEU B 16 -13.31 12.81 8.31
CA LEU B 16 -13.17 12.18 7.00
C LEU B 16 -11.68 12.14 6.67
N GLY B 17 -11.36 11.61 5.50
CA GLY B 17 -9.98 11.66 5.03
C GLY B 17 -9.73 10.65 3.94
N ASP B 18 -8.45 10.47 3.63
CA ASP B 18 -8.01 9.60 2.54
C ASP B 18 -8.75 9.93 1.25
N LEU B 19 -8.82 11.23 0.93
CA LEU B 19 -9.49 11.65 -0.29
C LEU B 19 -8.64 11.32 -1.52
N HIS B 20 -7.32 11.46 -1.41
CA HIS B 20 -6.41 11.13 -2.50
C HIS B 20 -6.79 11.88 -3.78
N ILE B 21 -7.06 13.16 -3.64
CA ILE B 21 -7.28 13.99 -4.81
C ILE B 21 -5.99 14.78 -5.03
N PRO B 22 -5.57 14.95 -6.29
CA PRO B 22 -6.21 14.61 -7.56
C PRO B 22 -5.90 13.23 -8.13
N HIS B 23 -4.86 12.56 -7.63
CA HIS B 23 -4.33 11.39 -8.31
C HIS B 23 -5.35 10.26 -8.40
N ARG B 24 -5.75 9.72 -7.25
CA ARG B 24 -6.55 8.50 -7.22
C ARG B 24 -8.01 8.75 -7.52
N CSO B 25 -8.49 9.95 -7.19
CA CSO B 25 -9.90 10.25 -7.41
CB CSO B 25 -10.70 9.96 -6.14
SG CSO B 25 -12.24 9.10 -6.56
C CSO B 25 -10.06 11.71 -7.80
O CSO B 25 -9.30 12.57 -7.37
OD CSO B 25 -12.12 7.38 -6.10
HA CSO B 25 -10.23 9.70 -8.14
HB2 CSO B 25 -10.93 10.79 -5.71
HB3 CSO B 25 -10.18 9.39 -5.56
HD CSO B 25 -12.95 6.92 -6.32
N ASN B 26 -11.06 11.96 -8.63
CA ASN B 26 -11.31 13.29 -9.17
C ASN B 26 -11.65 14.28 -8.07
N SER B 27 -12.79 14.07 -7.43
CA SER B 27 -13.22 14.94 -6.35
C SER B 27 -14.13 14.15 -5.41
N LEU B 28 -14.64 14.82 -4.39
CA LEU B 28 -15.57 14.17 -3.46
C LEU B 28 -16.87 13.94 -4.20
N PRO B 29 -17.52 12.78 -3.97
CA PRO B 29 -18.77 12.47 -4.67
C PRO B 29 -19.73 13.65 -4.62
N ALA B 30 -20.56 13.75 -5.66
CA ALA B 30 -21.45 14.91 -5.79
C ALA B 30 -22.30 15.11 -4.55
N LYS B 31 -23.00 14.06 -4.11
CA LYS B 31 -23.99 14.20 -3.04
C LYS B 31 -23.36 14.57 -1.72
N PHE B 32 -22.16 14.07 -1.42
CA PHE B 32 -21.50 14.41 -0.16
C PHE B 32 -21.35 15.92 -0.01
N LYS B 33 -20.57 16.54 -0.89
CA LYS B 33 -20.21 17.95 -0.74
C LYS B 33 -21.41 18.88 -0.77
N LYS B 34 -22.56 18.40 -1.25
CA LYS B 34 -23.78 19.20 -1.14
C LYS B 34 -24.31 19.21 0.29
N LEU B 35 -24.09 18.13 1.03
CA LEU B 35 -24.52 18.08 2.42
C LEU B 35 -23.58 18.83 3.35
N LEU B 36 -22.39 19.21 2.89
CA LEU B 36 -21.41 19.89 3.72
C LEU B 36 -21.48 21.41 3.51
N VAL B 37 -22.62 21.97 3.88
CA VAL B 37 -22.79 23.43 3.77
C VAL B 37 -21.91 24.09 4.84
N PRO B 38 -21.07 25.07 4.48
CA PRO B 38 -20.23 25.70 5.50
C PRO B 38 -21.06 26.30 6.64
N GLY B 39 -20.37 26.63 7.72
CA GLY B 39 -21.00 27.21 8.91
C GLY B 39 -21.60 26.20 9.86
N LYS B 40 -22.18 25.14 9.32
CA LYS B 40 -22.82 24.09 10.11
CA LYS B 40 -22.84 24.12 10.13
C LYS B 40 -21.88 23.55 11.17
N ILE B 41 -20.93 22.72 10.74
CA ILE B 41 -20.05 22.03 11.68
C ILE B 41 -19.11 23.01 12.38
N GLN B 42 -18.81 22.72 13.64
CA GLN B 42 -17.90 23.55 14.43
C GLN B 42 -16.45 23.08 14.33
N HIS B 43 -16.23 21.76 14.24
CA HIS B 43 -14.89 21.19 14.15
C HIS B 43 -14.80 20.22 12.98
N ILE B 44 -13.68 20.25 12.26
CA ILE B 44 -13.37 19.25 11.25
C ILE B 44 -12.12 18.51 11.72
N LEU B 45 -12.18 17.18 11.70
CA LEU B 45 -11.04 16.32 11.97
C LEU B 45 -10.81 15.46 10.73
N CYS B 46 -9.60 15.47 10.19
CA CYS B 46 -9.34 14.69 8.99
C CYS B 46 -8.14 13.78 9.21
N THR B 47 -8.28 12.53 8.79
CA THR B 47 -7.20 11.55 8.96
C THR B 47 -6.01 11.85 8.07
N GLY B 48 -6.25 12.49 6.93
CA GLY B 48 -5.18 12.89 6.01
C GLY B 48 -5.32 12.32 4.62
N ASN B 49 -4.20 12.27 3.89
CA ASN B 49 -4.14 11.78 2.51
C ASN B 49 -5.29 12.36 1.69
N LEU B 50 -5.28 13.69 1.61
CA LEU B 50 -6.05 14.43 0.62
C LEU B 50 -5.12 15.37 -0.13
N CYS B 51 -3.85 14.98 -0.28
CA CYS B 51 -2.78 15.91 -0.56
C CYS B 51 -3.05 16.73 -1.81
N THR B 52 -3.35 18.00 -1.59
CA THR B 52 -3.54 18.96 -2.66
C THR B 52 -4.06 20.15 -1.87
N LYS B 53 -3.17 20.96 -1.31
CA LYS B 53 -3.53 22.13 -0.49
C LYS B 53 -4.93 22.69 -0.82
N GLU B 54 -5.28 22.72 -2.11
CA GLU B 54 -6.64 22.97 -2.58
C GLU B 54 -7.71 22.47 -1.61
N SER B 55 -7.53 21.25 -1.09
CA SER B 55 -8.50 20.72 -0.13
C SER B 55 -8.27 21.28 1.27
N TYR B 56 -7.01 21.38 1.70
CA TYR B 56 -6.75 21.92 3.03
C TYR B 56 -7.30 23.33 3.16
N ASP B 57 -7.12 24.16 2.14
CA ASP B 57 -7.80 25.45 2.12
C ASP B 57 -9.31 25.28 2.02
N TYR B 58 -9.75 24.23 1.33
CA TYR B 58 -11.19 23.98 1.22
C TYR B 58 -11.78 23.68 2.60
N LEU B 59 -11.17 22.76 3.35
CA LEU B 59 -11.73 22.37 4.64
C LEU B 59 -11.85 23.57 5.57
N LYS B 60 -10.88 24.49 5.52
CA LYS B 60 -10.92 25.67 6.39
C LYS B 60 -12.14 26.54 6.11
N THR B 61 -12.77 26.38 4.95
CA THR B 61 -13.98 27.15 4.66
C THR B 61 -15.17 26.65 5.47
N LEU B 62 -15.22 25.35 5.77
CA LEU B 62 -16.41 24.75 6.37
C LEU B 62 -16.44 24.89 7.89
N ALA B 63 -15.34 25.31 8.52
CA ALA B 63 -15.33 25.48 9.96
C ALA B 63 -14.11 26.31 10.35
N GLY B 64 -14.20 26.95 11.50
CA GLY B 64 -13.11 27.75 12.01
C GLY B 64 -11.98 26.93 12.58
N ASP B 65 -12.33 25.89 13.34
CA ASP B 65 -11.36 25.02 13.98
C ASP B 65 -11.21 23.75 13.15
N VAL B 66 -10.11 23.66 12.40
CA VAL B 66 -9.86 22.52 11.54
C VAL B 66 -8.53 21.91 11.92
N HIS B 67 -8.53 20.62 12.24
CA HIS B 67 -7.35 19.91 12.70
CA HIS B 67 -7.35 19.90 12.71
C HIS B 67 -6.97 18.84 11.70
N ILE B 68 -5.82 19.01 11.07
CA ILE B 68 -5.30 18.11 10.05
C ILE B 68 -4.13 17.33 10.65
N VAL B 69 -3.91 16.13 10.13
CA VAL B 69 -2.76 15.31 10.51
C VAL B 69 -2.23 14.61 9.26
N ARG B 70 -0.91 14.42 9.21
CA ARG B 70 -0.27 14.03 7.96
C ARG B 70 -0.62 12.60 7.56
N GLY B 71 -0.99 12.42 6.29
CA GLY B 71 -0.96 11.11 5.66
C GLY B 71 0.38 10.85 4.99
N ASP B 72 0.56 9.59 4.57
CA ASP B 72 1.82 9.21 3.96
C ASP B 72 1.97 9.74 2.53
N PHE B 73 0.92 10.32 1.95
CA PHE B 73 1.00 10.98 0.65
C PHE B 73 0.63 12.45 0.77
N ASP B 74 1.01 13.08 1.88
CA ASP B 74 0.73 14.49 2.13
C ASP B 74 2.01 15.29 1.94
N GLU B 75 1.92 16.37 1.16
CA GLU B 75 3.10 17.16 0.81
C GLU B 75 3.56 18.04 1.97
N ASN B 76 2.63 18.67 2.68
CA ASN B 76 2.96 19.63 3.74
C ASN B 76 3.58 18.87 4.92
N LEU B 77 4.90 19.01 5.09
CA LEU B 77 5.60 18.35 6.17
C LEU B 77 5.28 18.98 7.54
N ASN B 78 4.70 20.17 7.55
CA ASN B 78 4.49 20.89 8.81
C ASN B 78 3.20 20.53 9.53
N TYR B 79 2.26 19.82 8.88
CA TYR B 79 1.16 19.26 9.64
C TYR B 79 1.71 18.44 10.80
N PRO B 80 0.91 18.19 11.82
CA PRO B 80 1.33 17.26 12.87
C PRO B 80 1.12 15.83 12.42
N GLU B 81 1.89 14.92 13.01
CA GLU B 81 1.73 13.50 12.71
C GLU B 81 0.66 12.84 13.56
N GLN B 82 0.39 13.38 14.75
CA GLN B 82 -0.74 12.95 15.55
C GLN B 82 -1.25 14.16 16.31
N LYS B 83 -2.52 14.10 16.70
CA LYS B 83 -3.12 15.25 17.36
C LYS B 83 -4.26 14.78 18.27
N VAL B 84 -4.22 15.23 19.52
CA VAL B 84 -5.30 15.05 20.47
C VAL B 84 -5.96 16.39 20.69
N VAL B 85 -7.29 16.43 20.58
CA VAL B 85 -8.07 17.63 20.84
C VAL B 85 -9.20 17.24 21.79
N THR B 86 -9.83 18.26 22.36
CA THR B 86 -10.95 18.07 23.28
C THR B 86 -12.11 18.93 22.84
N VAL B 87 -13.29 18.33 22.75
CA VAL B 87 -14.53 19.04 22.48
C VAL B 87 -15.60 18.43 23.36
N GLY B 88 -16.35 19.28 24.07
CA GLY B 88 -17.28 18.76 25.06
C GLY B 88 -16.54 18.01 26.14
N GLN B 89 -17.13 16.89 26.58
CA GLN B 89 -16.53 16.03 27.59
C GLN B 89 -15.60 14.97 27.00
N PHE B 90 -15.44 14.94 25.68
CA PHE B 90 -14.67 13.89 25.01
C PHE B 90 -13.30 14.40 24.62
N LYS B 91 -12.26 13.70 25.05
CA LYS B 91 -10.94 13.86 24.47
C LYS B 91 -10.87 12.97 23.24
N ILE B 92 -10.28 13.49 22.16
CA ILE B 92 -10.28 12.79 20.88
C ILE B 92 -8.87 12.81 20.30
N GLY B 93 -8.47 11.68 19.73
CA GLY B 93 -7.13 11.48 19.22
C GLY B 93 -7.17 11.27 17.72
N LEU B 94 -6.16 11.78 17.02
CA LEU B 94 -6.17 11.82 15.57
C LEU B 94 -4.81 11.44 15.01
N ILE B 95 -4.82 10.52 14.05
CA ILE B 95 -3.60 10.02 13.42
C ILE B 95 -4.03 9.36 12.11
N HIS B 96 -3.23 9.53 11.07
CA HIS B 96 -3.67 9.01 9.77
C HIS B 96 -3.76 7.49 9.81
N GLY B 97 -2.74 6.82 10.34
CA GLY B 97 -2.78 5.39 10.55
C GLY B 97 -1.79 4.59 9.74
N HIS B 98 -0.96 5.22 8.90
CA HIS B 98 0.11 4.48 8.26
C HIS B 98 1.17 4.04 9.24
N GLN B 99 1.11 4.50 10.49
CA GLN B 99 2.09 4.14 11.52
C GLN B 99 1.80 2.80 12.16
N VAL B 100 0.68 2.17 11.83
CA VAL B 100 0.24 0.92 12.48
C VAL B 100 0.52 -0.25 11.53
N ILE B 101 1.24 -1.24 12.03
CA ILE B 101 1.54 -2.45 11.26
C ILE B 101 1.09 -3.68 12.06
N PRO B 102 0.28 -4.57 11.44
CA PRO B 102 -0.38 -4.42 10.14
C PRO B 102 -1.38 -3.30 10.20
N TRP B 103 -1.86 -2.83 9.05
CA TRP B 103 -2.73 -1.66 9.06
C TRP B 103 -4.02 -1.95 9.84
N GLY B 104 -4.46 -0.96 10.60
CA GLY B 104 -5.64 -1.12 11.42
C GLY B 104 -5.52 -2.16 12.52
N ASP B 105 -4.31 -2.58 12.86
CA ASP B 105 -4.11 -3.56 13.92
C ASP B 105 -4.74 -3.09 15.22
N MET B 106 -5.58 -3.93 15.81
CA MET B 106 -6.31 -3.54 17.01
C MET B 106 -5.34 -3.23 18.16
N ALA B 107 -4.48 -4.20 18.50
CA ALA B 107 -3.60 -4.04 19.65
C ALA B 107 -2.76 -2.78 19.54
N SER B 108 -2.28 -2.48 18.33
CA SER B 108 -1.47 -1.28 18.14
C SER B 108 -2.31 -0.01 18.29
N LEU B 109 -3.52 -0.01 17.73
CA LEU B 109 -4.38 1.15 17.88
C LEU B 109 -4.77 1.36 19.34
N ALA B 110 -5.03 0.27 20.05
CA ALA B 110 -5.31 0.38 21.48
C ALA B 110 -4.14 1.02 22.22
N LEU B 111 -2.92 0.63 21.85
CA LEU B 111 -1.73 1.22 22.48
C LEU B 111 -1.62 2.71 22.16
N LEU B 112 -2.15 3.14 21.02
CA LEU B 112 -2.17 4.57 20.71
C LEU B 112 -3.22 5.31 21.53
N GLN B 113 -4.38 4.68 21.72
CA GLN B 113 -5.41 5.28 22.58
C GLN B 113 -4.85 5.54 23.98
N ARG B 114 -4.34 4.48 24.62
CA ARG B 114 -3.80 4.62 25.96
C ARG B 114 -2.70 5.68 26.00
N GLN B 115 -1.80 5.66 25.01
CA GLN B 115 -0.70 6.62 24.98
C GLN B 115 -1.24 8.04 24.91
N PHE B 116 -2.17 8.29 23.99
CA PHE B 116 -2.79 9.61 23.89
C PHE B 116 -3.69 9.93 25.08
N ASP B 117 -4.02 8.94 25.91
CA ASP B 117 -4.98 9.11 26.99
C ASP B 117 -6.25 9.76 26.47
N VAL B 118 -6.91 9.05 25.55
CA VAL B 118 -8.03 9.60 24.83
C VAL B 118 -9.23 8.68 24.97
N ASP B 119 -10.42 9.28 24.85
CA ASP B 119 -11.68 8.54 24.89
C ASP B 119 -12.04 7.96 23.53
N ILE B 120 -11.82 8.74 22.46
CA ILE B 120 -12.09 8.31 21.10
C ILE B 120 -10.79 8.40 20.31
N LEU B 121 -10.52 7.37 19.52
CA LEU B 121 -9.37 7.38 18.61
C LEU B 121 -9.87 7.31 17.18
N ILE B 122 -9.41 8.26 16.36
CA ILE B 122 -9.74 8.33 14.95
C ILE B 122 -8.49 8.03 14.15
N SER B 123 -8.61 7.15 13.15
CA SER B 123 -7.50 6.85 12.27
C SER B 123 -8.06 6.46 10.90
N GLY B 124 -7.21 6.62 9.88
CA GLY B 124 -7.60 6.28 8.52
C GLY B 124 -6.66 5.31 7.84
N HIS B 125 -6.41 5.60 6.57
CA HIS B 125 -5.45 4.89 5.77
C HIS B 125 -5.88 3.59 5.14
N THR B 126 -6.75 2.89 5.81
CA THR B 126 -7.06 1.52 5.44
C THR B 126 -8.13 1.70 4.36
N HIS B 127 -8.65 2.92 4.19
CA HIS B 127 -9.75 3.17 3.26
C HIS B 127 -10.96 2.28 3.54
N LYS B 128 -10.99 1.67 4.72
CA LYS B 128 -12.14 0.93 5.22
C LYS B 128 -12.66 1.66 6.45
N PHE B 129 -13.96 1.86 6.51
CA PHE B 129 -14.58 2.58 7.61
C PHE B 129 -14.89 1.64 8.77
N GLU B 130 -14.79 2.16 9.99
CA GLU B 130 -15.24 1.42 11.15
CA GLU B 130 -15.13 1.41 11.18
C GLU B 130 -15.57 2.39 12.27
N ALA B 131 -16.47 1.94 13.15
CA ALA B 131 -16.91 2.72 14.29
C ALA B 131 -17.42 1.72 15.33
N PHE B 132 -16.58 1.43 16.32
CA PHE B 132 -16.87 0.37 17.28
C PHE B 132 -16.29 0.76 18.63
N GLU B 133 -16.76 0.07 19.67
CA GLU B 133 -16.25 0.22 21.02
C GLU B 133 -15.34 -0.95 21.36
N HIS B 134 -14.24 -0.67 22.05
CA HIS B 134 -13.27 -1.69 22.41
C HIS B 134 -12.68 -1.36 23.77
N GLU B 135 -12.87 -2.26 24.73
CA GLU B 135 -12.39 -2.07 26.10
C GLU B 135 -12.82 -0.70 26.63
N ASN B 136 -14.11 -0.42 26.50
CA ASN B 136 -14.74 0.80 27.00
C ASN B 136 -14.12 2.06 26.40
N LYS B 137 -13.47 1.92 25.25
CA LYS B 137 -13.02 3.04 24.43
C LYS B 137 -13.56 2.86 23.03
N PHE B 138 -13.69 3.98 22.32
CA PHE B 138 -14.37 4.01 21.03
C PHE B 138 -13.37 4.37 19.93
N TYR B 139 -13.35 3.58 18.87
CA TYR B 139 -12.42 3.75 17.76
C TYR B 139 -13.21 4.01 16.49
N ILE B 140 -12.69 4.92 15.66
CA ILE B 140 -13.38 5.34 14.44
C ILE B 140 -12.37 5.38 13.29
N ASN B 141 -12.76 4.82 12.15
CA ASN B 141 -12.08 5.03 10.89
C ASN B 141 -13.11 5.58 9.91
N PRO B 142 -12.96 6.81 9.41
CA PRO B 142 -13.99 7.37 8.53
C PRO B 142 -14.02 6.76 7.15
N GLY B 143 -12.99 5.99 6.78
CA GLY B 143 -12.86 5.53 5.43
C GLY B 143 -12.34 6.63 4.53
N SER B 144 -12.57 6.45 3.22
CA SER B 144 -12.16 7.42 2.22
C SER B 144 -13.41 8.11 1.68
N ALA B 145 -13.46 9.44 1.79
CA ALA B 145 -14.61 10.19 1.29
C ALA B 145 -14.73 10.07 -0.22
N THR B 146 -13.60 10.12 -0.92
CA THR B 146 -13.58 10.06 -2.37
C THR B 146 -13.80 8.66 -2.92
N GLY B 147 -13.73 7.62 -2.09
CA GLY B 147 -13.76 6.25 -2.57
C GLY B 147 -12.44 5.80 -3.16
N ALA B 148 -11.34 6.47 -2.82
CA ALA B 148 -10.03 6.19 -3.38
C ALA B 148 -9.66 4.72 -3.24
N TYR B 149 -8.70 4.25 -4.03
CA TYR B 149 -8.23 2.88 -3.96
C TYR B 149 -7.11 2.75 -2.94
N ASN B 150 -6.97 1.55 -2.40
CA ASN B 150 -5.81 1.18 -1.61
C ASN B 150 -5.04 0.09 -2.36
N ALA B 151 -3.98 -0.41 -1.73
CA ALA B 151 -3.13 -1.40 -2.38
C ALA B 151 -3.77 -2.78 -2.46
N LEU B 152 -5.00 -2.96 -1.98
CA LEU B 152 -5.65 -4.26 -2.02
C LEU B 152 -6.94 -4.28 -2.81
N GLU B 153 -7.79 -3.26 -2.68
CA GLU B 153 -9.04 -3.19 -3.44
C GLU B 153 -9.11 -1.89 -4.24
N THR B 154 -9.91 -1.92 -5.30
CA THR B 154 -10.13 -0.76 -6.14
C THR B 154 -11.56 -0.25 -6.07
N ASN B 155 -12.49 -1.03 -5.54
CA ASN B 155 -13.89 -0.60 -5.39
CA ASN B 155 -13.88 -0.60 -5.39
C ASN B 155 -14.17 -0.30 -3.92
N ILE B 156 -13.62 0.81 -3.45
CA ILE B 156 -13.87 1.31 -2.11
C ILE B 156 -15.23 1.98 -2.07
N ILE B 157 -15.89 1.93 -0.92
CA ILE B 157 -17.12 2.67 -0.69
C ILE B 157 -16.72 4.06 -0.23
N PRO B 158 -17.09 5.14 -0.93
CA PRO B 158 -16.81 6.48 -0.41
C PRO B 158 -17.59 6.68 0.88
N SER B 159 -16.92 7.21 1.90
CA SER B 159 -17.54 7.34 3.21
CA SER B 159 -17.50 7.30 3.24
C SER B 159 -16.93 8.49 3.98
N PHE B 160 -17.73 9.01 4.92
CA PHE B 160 -17.28 10.02 5.86
C PHE B 160 -18.22 9.98 7.06
N VAL B 161 -17.71 10.37 8.21
CA VAL B 161 -18.39 10.17 9.50
C VAL B 161 -18.71 11.54 10.09
N LEU B 162 -19.88 11.64 10.70
CA LEU B 162 -20.26 12.82 11.49
C LEU B 162 -20.54 12.39 12.92
N MET B 163 -19.93 13.09 13.88
CA MET B 163 -20.14 12.84 15.29
C MET B 163 -21.15 13.83 15.85
N ASP B 164 -22.14 13.32 16.56
CA ASP B 164 -23.05 14.14 17.34
C ASP B 164 -22.74 13.88 18.80
N ILE B 165 -22.01 14.79 19.43
CA ILE B 165 -21.67 14.68 20.84
C ILE B 165 -22.56 15.63 21.62
N GLN B 166 -23.17 15.11 22.68
CA GLN B 166 -24.09 15.87 23.53
C GLN B 166 -23.85 15.39 24.96
N ALA B 167 -23.11 16.19 25.72
CA ALA B 167 -22.72 15.85 27.09
C ALA B 167 -21.75 14.66 27.07
N SER B 168 -22.14 13.53 27.64
CA SER B 168 -21.27 12.36 27.75
C SER B 168 -21.60 11.29 26.72
N THR B 169 -22.45 11.59 25.74
CA THR B 169 -22.81 10.66 24.69
C THR B 169 -22.34 11.20 23.36
N VAL B 170 -21.68 10.35 22.57
CA VAL B 170 -21.41 10.63 21.17
C VAL B 170 -22.30 9.73 20.33
N VAL B 171 -23.07 10.34 19.43
CA VAL B 171 -23.82 9.62 18.42
C VAL B 171 -23.06 9.74 17.11
N THR B 172 -22.64 8.59 16.56
CA THR B 172 -21.75 8.55 15.42
C THR B 172 -22.54 8.19 14.17
N TYR B 173 -22.57 9.11 13.21
CA TYR B 173 -23.27 8.91 11.95
C TYR B 173 -22.26 8.66 10.85
N VAL B 174 -22.49 7.60 10.09
CA VAL B 174 -21.63 7.19 8.98
C VAL B 174 -22.46 7.30 7.71
N TYR B 175 -21.90 7.95 6.69
CA TYR B 175 -22.57 8.15 5.43
C TYR B 175 -21.82 7.40 4.34
N GLN B 176 -22.53 6.60 3.56
CA GLN B 176 -21.92 5.74 2.55
C GLN B 176 -22.64 5.88 1.22
N LEU B 177 -21.88 5.67 0.15
CA LEU B 177 -22.44 5.68 -1.21
C LEU B 177 -22.53 4.25 -1.71
N ILE B 178 -23.71 3.66 -1.55
CA ILE B 178 -24.04 2.35 -2.12
C ILE B 178 -24.93 2.61 -3.32
N GLY B 179 -24.55 2.06 -4.48
CA GLY B 179 -25.12 2.53 -5.73
C GLY B 179 -24.69 3.97 -5.94
N ASP B 180 -25.67 4.84 -6.17
CA ASP B 180 -25.45 6.29 -6.11
C ASP B 180 -26.39 6.93 -5.11
N ASP B 181 -26.84 6.15 -4.13
CA ASP B 181 -27.74 6.62 -3.08
C ASP B 181 -26.98 6.63 -1.76
N VAL B 182 -26.97 7.78 -1.10
CA VAL B 182 -26.36 7.87 0.22
C VAL B 182 -27.15 7.01 1.20
N LYS B 183 -26.43 6.30 2.06
CA LYS B 183 -27.04 5.50 3.11
C LYS B 183 -26.21 5.63 4.38
N VAL B 184 -26.82 5.32 5.52
CA VAL B 184 -26.26 5.66 6.81
C VAL B 184 -26.56 4.57 7.83
N GLU B 185 -25.90 4.69 8.98
CA GLU B 185 -26.16 3.87 10.16
C GLU B 185 -25.55 4.59 11.35
N ARG B 186 -26.26 4.58 12.48
CA ARG B 186 -25.83 5.33 13.66
C ARG B 186 -25.28 4.38 14.72
N ILE B 187 -24.19 4.80 15.35
CA ILE B 187 -23.49 4.01 16.36
C ILE B 187 -23.40 4.88 17.61
N GLU B 188 -23.96 4.40 18.71
CA GLU B 188 -24.05 5.18 19.94
C GLU B 188 -22.99 4.70 20.93
N TYR B 189 -22.26 5.66 21.51
CA TYR B 189 -21.24 5.37 22.51
C TYR B 189 -21.38 6.35 23.66
N LYS B 190 -21.52 5.81 24.87
CA LYS B 190 -21.58 6.61 26.08
C LYS B 190 -20.27 6.44 26.84
N LYS B 191 -19.65 7.57 27.21
CA LYS B 191 -18.41 7.49 27.95
C LYS B 191 -18.61 6.64 29.19
N PRO B 192 -17.66 5.70 29.53
CA PRO B 192 -17.97 4.86 30.68
C PRO B 192 -17.88 5.61 32.01
O10 48V C 1 13.19 -33.36 -2.97
N01 48V C 1 8.32 -33.88 1.13
C02 48V C 1 9.55 -34.66 0.91
C03 48V C 1 10.10 -35.14 2.23
O04 48V C 1 10.18 -36.33 2.45
N05 48V C 1 10.46 -34.24 3.15
C06 48V C 1 10.59 -33.81 0.19
S07 48V C 1 11.32 -34.70 -1.15
C08 48V C 1 13.08 -34.74 -1.00
C09 48V C 1 13.71 -33.52 -1.65
H1 48V C 1 7.61 -34.46 1.62
H4 48V C 1 9.33 -35.53 0.29
H5 48V C 1 10.83 -34.54 4.04
H6 48V C 1 10.39 -33.25 2.95
H7 48V C 1 11.37 -33.50 0.89
H8 48V C 1 10.11 -32.90 -0.20
H9 48V C 1 13.35 -34.78 0.06
H10 48V C 1 13.47 -35.65 -1.47
N TYR C 2 15.25 -33.52 -1.38
CA TYR C 2 16.02 -32.28 -1.50
C TYR C 2 16.16 -31.92 -2.98
N ILE C 3 16.91 -30.86 -3.27
CA ILE C 3 17.04 -30.38 -4.65
C ILE C 3 18.42 -29.77 -4.82
N LYS C 4 19.06 -30.08 -5.95
CA LYS C 4 20.37 -29.55 -6.29
C LYS C 4 20.23 -28.16 -6.89
N THR C 5 21.13 -27.26 -6.50
CA THR C 5 21.11 -25.89 -7.00
C THR C 5 22.55 -25.42 -7.22
N PRO C 6 22.74 -24.37 -8.02
CA PRO C 6 24.07 -23.78 -8.15
C PRO C 6 24.74 -23.43 -6.82
N LEU C 7 23.95 -23.11 -5.78
CA LEU C 7 24.50 -22.68 -4.51
C LEU C 7 24.45 -23.76 -3.44
N GLY C 8 24.13 -24.99 -3.82
CA GLY C 8 24.10 -26.10 -2.89
C GLY C 8 22.78 -26.86 -2.96
N THR C 9 22.76 -27.98 -2.24
CA THR C 9 21.56 -28.80 -2.14
C THR C 9 20.85 -28.46 -0.84
N PHE C 10 19.55 -28.25 -0.93
CA PHE C 10 18.70 -27.86 0.18
C PHE C 10 17.43 -28.69 0.14
N PRO C 11 16.73 -28.82 1.26
CA PRO C 11 15.47 -29.58 1.26
C PRO C 11 14.39 -28.88 0.45
N ASN C 12 13.42 -29.68 0.00
CA ASN C 12 12.26 -29.17 -0.72
C ASN C 12 11.28 -28.58 0.28
N ARG C 13 11.11 -27.25 0.22
CA ARG C 13 10.04 -26.57 0.94
C ARG C 13 8.76 -27.39 0.89
N HIS C 14 8.24 -27.64 -0.30
CA HIS C 14 7.04 -28.45 -0.46
C HIS C 14 7.42 -29.91 -0.26
N GLY C 15 7.41 -30.36 0.99
CA GLY C 15 8.01 -31.63 1.37
C GLY C 15 7.38 -32.87 0.74
O10 48V D 1 -34.49 3.20 6.00
N01 48V D 1 -35.31 -1.92 5.98
C02 48V D 1 -36.18 -1.42 7.05
C03 48V D 1 -37.06 -2.54 7.56
O04 48V D 1 -36.67 -3.18 8.51
N05 48V D 1 -38.23 -2.83 6.98
C06 48V D 1 -37.02 -0.24 6.55
S07 48V D 1 -36.00 1.15 6.21
C08 48V D 1 -35.94 2.20 7.62
C09 48V D 1 -35.03 3.37 7.30
H1 48V D 1 -35.88 -2.19 5.17
H4 48V D 1 -35.56 -1.06 7.90
H5 48V D 1 -38.79 -3.58 7.35
H6 48V D 1 -38.55 -2.29 6.19
H7 48V D 1 -37.55 -0.54 5.64
H8 48V D 1 -37.76 0.02 7.30
H9 48V D 1 -35.57 1.66 8.49
H10 48V D 1 -36.95 2.56 7.86
N TYR D 2 -35.71 4.57 7.66
CA TYR D 2 -34.73 5.64 7.46
C TYR D 2 -34.12 6.04 8.78
N ILE D 3 -33.32 7.10 8.77
CA ILE D 3 -32.59 7.54 9.95
C ILE D 3 -32.45 9.06 9.92
N LYS D 4 -33.09 9.74 10.88
CA LYS D 4 -32.81 11.15 11.09
C LYS D 4 -31.32 11.36 11.32
N THR D 5 -30.77 12.43 10.75
CA THR D 5 -29.39 12.81 11.05
C THR D 5 -29.30 14.32 11.03
N PRO D 6 -28.29 14.89 11.70
CA PRO D 6 -28.09 16.35 11.63
C PRO D 6 -27.96 16.89 10.21
N LEU D 7 -27.74 16.06 9.21
CA LEU D 7 -27.63 16.52 7.82
C LEU D 7 -28.75 16.02 6.93
N GLY D 8 -29.68 15.23 7.43
CA GLY D 8 -30.82 14.79 6.65
C GLY D 8 -31.22 13.38 7.02
N THR D 9 -32.26 12.90 6.34
CA THR D 9 -32.78 11.55 6.49
C THR D 9 -32.46 10.76 5.24
N PHE D 10 -31.87 9.58 5.44
CA PHE D 10 -31.46 8.69 4.37
C PHE D 10 -31.82 7.28 4.79
N PRO D 11 -31.85 6.33 3.86
CA PRO D 11 -32.06 4.94 4.26
C PRO D 11 -30.86 4.42 5.02
N ASN D 12 -31.11 3.44 5.88
CA ASN D 12 -30.02 2.75 6.53
C ASN D 12 -29.41 1.75 5.56
N ARG D 13 -28.10 1.52 5.70
CA ARG D 13 -27.42 0.62 4.77
C ARG D 13 -28.18 -0.69 4.62
N HIS D 14 -28.53 -1.33 5.74
CA HIS D 14 -29.14 -2.66 5.71
C HIS D 14 -30.50 -2.63 6.43
N GLY D 15 -31.57 -2.66 5.65
CA GLY D 15 -32.90 -2.94 6.17
C GLY D 15 -33.89 -1.80 6.08
O10 48V E 1 -7.84 10.22 -24.82
N01 48V E 1 -10.88 10.80 -26.06
C02 48V E 1 -10.97 10.65 -27.52
C03 48V E 1 -10.82 9.21 -27.90
O04 48V E 1 -10.42 8.41 -27.07
N05 48V E 1 -11.14 8.83 -29.13
C06 48V E 1 -9.87 11.47 -28.19
S07 48V E 1 -8.30 10.71 -27.89
C08 48V E 1 -7.41 11.66 -26.71
C09 48V E 1 -6.80 10.74 -25.65
H1 48V E 1 -9.96 10.47 -25.74
H4 48V E 1 -11.94 11.02 -27.88
H5 48V E 1 -11.47 9.51 -29.80
H6 48V E 1 -11.05 7.86 -29.41
H7 48V E 1 -9.86 12.49 -27.79
H8 48V E 1 -10.04 11.52 -29.26
H9 48V E 1 -8.07 12.38 -26.22
H10 48V E 1 -6.61 12.22 -27.20
N TYR E 2 -5.50 9.87 -25.94
CA TYR E 2 -4.67 8.94 -25.20
C TYR E 2 -3.44 9.66 -24.67
N ILE E 3 -2.67 8.98 -23.83
CA ILE E 3 -1.46 9.55 -23.25
C ILE E 3 -0.44 8.44 -23.07
N LYS E 4 0.81 8.73 -23.44
CA LYS E 4 1.83 7.72 -23.66
C LYS E 4 2.82 7.73 -22.51
N THR E 5 2.81 6.66 -21.71
CA THR E 5 3.72 6.50 -20.59
C THR E 5 4.66 5.32 -20.84
N PRO E 6 5.85 5.32 -20.22
CA PRO E 6 6.72 4.14 -20.33
C PRO E 6 6.02 2.82 -20.02
N LEU E 7 5.00 2.84 -19.17
CA LEU E 7 4.26 1.64 -18.80
C LEU E 7 3.03 1.41 -19.67
N GLY E 8 2.85 2.18 -20.74
CA GLY E 8 1.73 1.97 -21.64
C GLY E 8 1.11 3.23 -22.20
N THR E 9 0.08 3.03 -23.03
CA THR E 9 -0.72 4.11 -23.58
C THR E 9 -2.17 3.82 -23.20
N PHE E 10 -2.80 4.79 -22.55
CA PHE E 10 -4.14 4.60 -22.02
C PHE E 10 -5.00 5.77 -22.42
N PRO E 11 -6.30 5.55 -22.65
CA PRO E 11 -7.20 6.68 -22.87
C PRO E 11 -7.20 7.58 -21.65
N ASN E 12 -7.47 8.87 -21.88
CA ASN E 12 -7.45 9.84 -20.79
C ASN E 12 -8.63 9.70 -19.83
N ARG E 13 -9.00 8.48 -19.48
CA ARG E 13 -10.12 8.19 -18.58
C ARG E 13 -11.44 8.74 -19.10
N HIS E 14 -11.52 9.04 -20.39
CA HIS E 14 -12.76 9.42 -21.06
C HIS E 14 -12.45 9.58 -22.55
N GLY E 15 -13.41 10.12 -23.29
CA GLY E 15 -13.27 10.30 -24.73
C GLY E 15 -12.02 11.06 -25.12
O10 48V F 1 -7.62 -2.19 -13.97
N01 48V F 1 -11.59 -2.16 -13.54
C02 48V F 1 -10.39 -3.01 -13.53
C03 48V F 1 -10.61 -4.14 -14.49
O04 48V F 1 -11.63 -4.16 -15.16
N05 48V F 1 -9.68 -5.08 -14.61
C06 48V F 1 -10.16 -3.54 -12.12
S07 48V F 1 -8.85 -2.62 -11.36
C08 48V F 1 -7.28 -3.23 -11.84
C09 48V F 1 -6.64 -2.38 -12.94
H4 48V F 1 -9.52 -2.44 -13.84
H5 48V F 1 -8.84 -5.04 -14.05
H6 48V F 1 -9.81 -5.84 -15.27
H7 48V F 1 -9.89 -4.60 -12.15
H8 48V F 1 -11.08 -3.44 -11.53
H9 48V F 1 -6.62 -3.24 -10.97
H10 48V F 1 -7.38 -4.25 -12.20
N TYR F 2 -5.64 -1.22 -12.58
CA TYR F 2 -5.01 0.09 -12.64
C TYR F 2 -3.50 0.00 -12.73
N ILE F 3 -2.78 1.14 -13.32
CA ILE F 3 -1.33 1.25 -13.46
C ILE F 3 -0.95 2.66 -13.05
N LYS F 4 -0.11 2.77 -12.01
CA LYS F 4 0.32 4.08 -11.51
C LYS F 4 1.57 4.51 -12.27
N THR F 5 1.45 5.58 -13.05
CA THR F 5 2.54 6.13 -13.82
C THR F 5 2.79 7.57 -13.39
N PRO F 6 3.97 8.12 -13.69
CA PRO F 6 4.23 9.52 -13.35
C PRO F 6 3.28 10.51 -14.02
N LEU F 7 2.47 10.10 -14.98
CA LEU F 7 1.58 10.99 -15.71
C LEU F 7 0.11 10.71 -15.44
N GLY F 8 -0.20 9.87 -14.48
CA GLY F 8 -1.58 9.54 -14.17
C GLY F 8 -1.69 8.11 -13.69
N THR F 9 -2.93 7.69 -13.50
CA THR F 9 -3.27 6.33 -13.06
C THR F 9 -4.53 5.93 -13.80
N PHE F 10 -4.40 5.00 -14.74
CA PHE F 10 -5.44 4.69 -15.71
C PHE F 10 -5.83 3.22 -15.58
N PRO F 11 -7.11 2.90 -15.78
CA PRO F 11 -7.51 1.49 -15.77
C PRO F 11 -6.90 0.74 -16.95
N ASN F 12 -6.62 -0.55 -16.73
CA ASN F 12 -6.13 -1.40 -17.79
C ASN F 12 -7.26 -1.81 -18.74
N ARG F 13 -8.46 -2.00 -18.21
CA ARG F 13 -9.62 -2.38 -19.01
C ARG F 13 -10.84 -1.70 -18.39
N HIS F 14 -12.02 -2.23 -18.68
CA HIS F 14 -13.27 -1.67 -18.15
C HIS F 14 -13.54 -2.26 -16.77
N GLY F 15 -13.50 -1.41 -15.75
CA GLY F 15 -13.75 -1.85 -14.39
C GLY F 15 -12.73 -1.30 -13.40
C1 MLI G . -1.13 -18.02 -11.40
C2 MLI G . -1.83 -18.11 -10.05
C3 MLI G . -2.12 -17.58 -12.47
O6 MLI G . -1.20 -17.82 -9.00
O7 MLI G . -3.05 -18.46 -9.98
O8 MLI G . -3.04 -16.77 -12.19
O9 MLI G . -2.01 -18.03 -13.64
H11 MLI G . -0.77 -18.89 -11.63
H12 MLI G . -0.41 -17.37 -11.35
C1 MLI H . 20.52 2.39 -14.33
C2 MLI H . 20.16 2.04 -15.77
C3 MLI H . 20.51 1.13 -13.48
O6 MLI H . 19.18 2.60 -16.32
O7 MLI H . 20.85 1.20 -16.40
O8 MLI H . 20.32 1.21 -12.24
O9 MLI H . 20.68 0.00 -14.02
H11 MLI H . 19.87 3.03 -13.97
H12 MLI H . 21.41 2.79 -14.30
C1 GOL I . 10.22 0.35 -22.52
O1 GOL I . 8.83 0.40 -22.28
C2 GOL I . 10.98 0.46 -21.21
O2 GOL I . 12.27 -0.05 -21.39
C3 GOL I . 11.07 1.90 -20.74
O3 GOL I . 12.08 1.99 -19.76
H11 GOL I . 10.50 1.18 -23.17
H12 GOL I . 10.47 -0.58 -23.03
HO1 GOL I . 8.35 0.40 -23.14
H2 GOL I . 10.45 -0.13 -20.45
HO2 GOL I . 12.74 0.49 -22.05
H31 GOL I . 10.11 2.22 -20.33
H32 GOL I . 11.31 2.55 -21.58
HO3 GOL I . 12.14 2.91 -19.44
C1 GOL J . 10.96 -12.90 -27.26
O1 GOL J . 12.10 -12.15 -26.90
C2 GOL J . 9.72 -11.99 -27.22
O2 GOL J . 10.11 -10.66 -27.04
C3 GOL J . 8.80 -12.41 -26.08
O3 GOL J . 7.63 -11.62 -26.09
H11 GOL J . 10.83 -13.73 -26.57
H12 GOL J . 11.09 -13.29 -28.26
HO1 GOL J . 12.88 -12.74 -26.86
H2 GOL J . 9.18 -12.10 -28.16
HO2 GOL J . 9.31 -10.09 -27.02
H31 GOL J . 9.32 -12.30 -25.13
H32 GOL J . 8.52 -13.46 -26.20
HO3 GOL J . 7.27 -11.57 -25.18
C1 GOL K . -11.02 -6.76 18.94
O1 GOL K . -10.74 -8.13 18.79
C2 GOL K . -12.49 -6.51 18.63
O2 GOL K . -13.06 -5.78 19.69
C3 GOL K . -12.69 -5.74 17.33
O3 GOL K . -11.63 -5.95 16.42
H11 GOL K . -10.40 -6.18 18.27
H12 GOL K . -10.81 -6.46 19.96
HO1 GOL K . -9.79 -8.29 18.92
H2 GOL K . -13.00 -7.46 18.54
HO2 GOL K . -12.64 -4.90 19.76
H31 GOL K . -12.78 -4.67 17.54
H32 GOL K . -13.63 -6.06 16.86
HO3 GOL K . -11.66 -5.27 15.72
CAA O4B L . -0.54 22.11 15.49
OAM O4B L . -0.62 23.48 15.73
CAC O4B L . 0.51 24.01 16.37
CAD O4B L . 0.15 25.35 17.03
OAO O4B L . -0.79 25.12 18.04
CAG O4B L . -0.77 26.17 18.96
CAH O4B L . -1.97 26.05 19.89
OAQ O4B L . -3.13 26.38 19.17
CAK O4B L . -4.21 25.57 19.53
CAL O4B L . -5.37 25.85 18.58
OAR O4B L . -5.22 25.07 17.41
CAJ O4B L . -5.29 25.89 16.27
CAI O4B L . -5.48 25.01 15.03
OAP O4B L . -4.56 23.95 15.04
CAF O4B L . -4.93 23.01 14.07
CAE O4B L . -3.73 22.11 13.75
OAN O4B L . -2.84 22.16 14.83
CAB O4B L . -1.56 21.72 14.43
HAA1 O4B L . -0.72 21.62 16.32
HAA2 O4B L . 0.35 21.88 15.17
HAB1 O4B L . -1.33 22.13 13.59
HAB2 O4B L . -1.57 20.75 14.33
HAC1 O4B L . 0.82 23.39 17.06
HAC2 O4B L . 1.22 24.15 15.72
HAD1 O4B L . 0.94 25.73 17.42
HAD2 O4B L . -0.22 25.94 16.36
HAG1 O4B L . 0.04 26.13 19.47
HAG2 O4B L . -0.81 27.02 18.49
HAH1 O4B L . -1.87 26.66 20.64
HAH2 O4B L . -2.04 25.14 20.22
HAK1 O4B L . -4.49 25.77 20.44
HAK2 O4B L . -3.95 24.63 19.46
HAL1 O4B L . -6.21 25.63 19.01
HAL2 O4B L . -5.37 26.79 18.33
HAJ1 O4B L . -4.46 26.38 16.18
HAJ2 O4B L . -6.03 26.49 16.35
HAI1 O4B L . -5.34 25.54 14.23
HAI2 O4B L . -6.38 24.65 15.03
HAF1 O4B L . -5.22 23.46 13.27
HAF2 O4B L . -5.66 22.46 14.41
HAE1 O4B L . -4.03 21.20 13.62
HAE2 O4B L . -3.30 22.43 12.95
C1 GOL M . -1.11 9.54 -3.89
O1 GOL M . -2.42 10.03 -4.14
C2 GOL M . -0.36 9.48 -5.21
O2 GOL M . 1.02 9.30 -4.96
C3 GOL M . -0.89 8.34 -6.06
O3 GOL M . -0.86 7.13 -5.33
H11 GOL M . -1.17 8.56 -3.44
H12 GOL M . -0.60 10.21 -3.20
HO1 GOL M . -2.94 10.01 -3.30
H2 GOL M . -0.51 10.41 -5.74
HO2 GOL M . 1.17 8.44 -4.50
H31 GOL M . -0.27 8.23 -6.96
H32 GOL M . -1.90 8.55 -6.37
HO3 GOL M . 0.01 7.02 -4.89
#